data_9PT3
#
_entry.id   9PT3
#
_cell.length_a   29.405
_cell.length_b   66.742
_cell.length_c   64.217
_cell.angle_alpha   89.730
_cell.angle_beta   90.282
_cell.angle_gamma   90.101
#
_symmetry.space_group_name_H-M   'P 1'
#
loop_
_entity.id
_entity.type
_entity.pdbx_description
1 polymer 'Retinol-binding protein 2'
2 non-polymer 'ACETATE ION'
3 non-polymer "(2E)-3-[4'-(dimethylamino)[1,1'-biphenyl]-4-yl]but-2-enal"
4 water water
#
_entity_poly.entity_id   1
_entity_poly.type   'polypeptide(L)'
_entity_poly.pdbx_seq_one_letter_code
;TRDQNGTWEMESNENFEGWMKALDIDFATRKIAVRLTQTLVIDQDGDNFKVKSTSTFWNYDVDFTVGVEFDEYTKSLDNR
HVKALVTWEGDVLVCVQKGEKENRGWKKWIEGDKLYEELTCGDQVCRQVFKKK
;
_entity_poly.pdbx_strand_id   A,B,C,D
#
loop_
_chem_comp.id
_chem_comp.type
_chem_comp.name
_chem_comp.formula
A1CK1 non-polymer (2E)-3-[4'-(dimethylamino)[1,1'-biphenyl]-4-yl]but-2-enal 'C18 H19 N O'
ACT non-polymer 'ACETATE ION' 'C2 H3 O2 -1'
#
# COMPACT_ATOMS: atom_id res chain seq x y z
N THR A 1 -30.60 -10.75 -10.81
CA THR A 1 -30.64 -11.84 -11.77
C THR A 1 -29.70 -12.97 -11.36
N ARG A 2 -30.18 -14.21 -11.45
CA ARG A 2 -29.39 -15.39 -11.15
C ARG A 2 -28.68 -15.95 -12.37
N ASP A 3 -28.85 -15.33 -13.53
CA ASP A 3 -28.28 -15.86 -14.76
C ASP A 3 -26.83 -15.42 -14.89
N GLN A 4 -25.89 -16.34 -14.67
CA GLN A 4 -24.48 -16.04 -14.77
C GLN A 4 -23.83 -16.62 -16.01
N ASN A 5 -24.62 -17.05 -16.98
CA ASN A 5 -24.08 -17.61 -18.22
C ASN A 5 -23.14 -16.65 -18.90
N GLY A 6 -22.08 -17.20 -19.48
CA GLY A 6 -21.26 -16.41 -20.38
C GLY A 6 -19.77 -16.66 -20.29
N THR A 7 -19.04 -15.99 -21.17
CA THR A 7 -17.60 -15.90 -21.10
C THR A 7 -17.26 -14.55 -20.46
N TRP A 8 -16.53 -14.59 -19.35
CA TRP A 8 -16.28 -13.42 -18.52
C TRP A 8 -14.78 -13.14 -18.49
N GLU A 9 -14.40 -11.91 -18.84
CA GLU A 9 -13.00 -11.50 -18.92
C GLU A 9 -12.66 -10.62 -17.72
N MET A 10 -11.53 -10.88 -17.08
CA MET A 10 -11.23 -10.17 -15.85
C MET A 10 -10.96 -8.70 -16.11
N GLU A 11 -11.55 -7.84 -15.28
CA GLU A 11 -11.27 -6.41 -15.28
C GLU A 11 -10.43 -5.98 -14.09
N SER A 12 -10.62 -6.61 -12.94
CA SER A 12 -9.83 -6.24 -11.77
C SER A 12 -9.68 -7.43 -10.84
N ASN A 13 -8.60 -7.39 -10.05
CA ASN A 13 -8.18 -8.49 -9.20
C ASN A 13 -7.54 -7.87 -7.96
N GLU A 14 -8.07 -8.16 -6.77
CA GLU A 14 -7.53 -7.62 -5.52
C GLU A 14 -7.21 -8.75 -4.55
N ASN A 15 -5.99 -8.72 -3.99
CA ASN A 15 -5.54 -9.66 -2.97
C ASN A 15 -5.55 -11.11 -3.47
N PHE A 16 -5.34 -11.33 -4.77
CA PHE A 16 -5.23 -12.71 -5.24
C PHE A 16 -4.10 -13.45 -4.53
N GLU A 17 -2.97 -12.78 -4.30
CA GLU A 17 -1.84 -13.48 -3.68
C GLU A 17 -2.12 -13.83 -2.22
N GLY A 18 -2.87 -12.99 -1.50
CA GLY A 18 -3.25 -13.33 -0.14
C GLY A 18 -4.08 -14.59 -0.08
N TRP A 19 -5.07 -14.71 -0.97
CA TRP A 19 -5.87 -15.92 -1.04
C TRP A 19 -4.99 -17.14 -1.35
N MET A 20 -4.11 -17.02 -2.33
CA MET A 20 -3.25 -18.15 -2.66
C MET A 20 -2.36 -18.53 -1.48
N LYS A 21 -1.87 -17.54 -0.75
CA LYS A 21 -1.02 -17.85 0.39
C LYS A 21 -1.78 -18.63 1.44
N ALA A 22 -3.03 -18.23 1.71
CA ALA A 22 -3.85 -18.96 2.68
C ALA A 22 -4.07 -20.41 2.25
N LEU A 23 -3.96 -20.70 0.96
CA LEU A 23 -4.02 -22.07 0.46
C LEU A 23 -2.65 -22.76 0.43
N ASP A 24 -1.58 -22.06 0.82
CA ASP A 24 -0.23 -22.62 0.86
C ASP A 24 0.33 -22.94 -0.52
N ILE A 25 -0.18 -22.29 -1.56
CA ILE A 25 0.43 -22.40 -2.88
C ILE A 25 1.88 -21.91 -2.80
N ASP A 26 2.77 -22.64 -3.47
CA ASP A 26 4.21 -22.39 -3.33
C ASP A 26 4.61 -21.05 -3.95
N PHE A 27 5.80 -20.58 -3.54
CA PHE A 27 6.28 -19.27 -3.96
C PHE A 27 6.30 -19.13 -5.48
N ALA A 28 6.86 -20.11 -6.18
CA ALA A 28 7.02 -19.99 -7.62
C ALA A 28 5.68 -19.85 -8.32
N THR A 29 4.71 -20.69 -7.94
CA THR A 29 3.40 -20.63 -8.58
C THR A 29 2.69 -19.31 -8.28
N ARG A 30 2.79 -18.83 -7.04
CA ARG A 30 2.12 -17.58 -6.68
C ARG A 30 2.72 -16.39 -7.43
N LYS A 31 4.05 -16.35 -7.55
CA LYS A 31 4.67 -15.19 -8.16
C LYS A 31 4.30 -15.08 -9.64
N ILE A 32 4.13 -16.21 -10.32
CA ILE A 32 3.67 -16.16 -11.71
C ILE A 32 2.18 -15.85 -11.77
N ALA A 33 1.37 -16.59 -11.00
CA ALA A 33 -0.09 -16.50 -11.12
C ALA A 33 -0.62 -15.10 -10.81
N VAL A 34 0.03 -14.38 -9.88
CA VAL A 34 -0.51 -13.10 -9.46
C VAL A 34 -0.42 -12.05 -10.56
N ARG A 35 0.41 -12.29 -11.59
CA ARG A 35 0.60 -11.35 -12.69
C ARG A 35 -0.49 -11.43 -13.75
N LEU A 36 -1.31 -12.47 -13.74
CA LEU A 36 -2.04 -12.91 -14.93
C LEU A 36 -3.50 -12.48 -14.94
N THR A 37 -3.97 -12.17 -16.15
CA THR A 37 -5.39 -11.92 -16.38
C THR A 37 -6.13 -13.26 -16.45
N GLN A 38 -7.36 -13.29 -15.93
CA GLN A 38 -8.11 -14.53 -15.90
C GLN A 38 -9.36 -14.43 -16.75
N THR A 39 -9.89 -15.60 -17.10
CA THR A 39 -11.17 -15.75 -17.78
C THR A 39 -12.02 -16.76 -17.02
N LEU A 40 -13.32 -16.50 -16.93
CA LEU A 40 -14.27 -17.45 -16.36
C LEU A 40 -15.30 -17.77 -17.43
N VAL A 41 -15.55 -19.06 -17.65
CA VAL A 41 -16.58 -19.51 -18.57
C VAL A 41 -17.62 -20.27 -17.76
N ILE A 42 -18.86 -19.78 -17.78
CA ILE A 42 -19.93 -20.36 -16.99
C ILE A 42 -21.04 -20.82 -17.93
N ASP A 43 -21.38 -22.11 -17.83
CA ASP A 43 -22.50 -22.70 -18.54
C ASP A 43 -23.53 -23.08 -17.48
N GLN A 44 -24.70 -22.45 -17.52
CA GLN A 44 -25.70 -22.58 -16.48
C GLN A 44 -27.03 -22.94 -17.11
N ASP A 45 -27.62 -24.05 -16.66
CA ASP A 45 -28.93 -24.49 -17.13
C ASP A 45 -29.69 -24.97 -15.90
N GLY A 46 -30.63 -24.17 -15.43
CA GLY A 46 -31.32 -24.51 -14.20
C GLY A 46 -30.33 -24.61 -13.04
N ASP A 47 -30.34 -25.75 -12.34
CA ASP A 47 -29.39 -25.97 -11.25
C ASP A 47 -28.02 -26.44 -11.73
N ASN A 48 -27.88 -26.82 -12.99
CA ASN A 48 -26.66 -27.47 -13.47
C ASN A 48 -25.67 -26.41 -13.93
N PHE A 49 -24.48 -26.41 -13.33
CA PHE A 49 -23.42 -25.46 -13.68
C PHE A 49 -22.21 -26.21 -14.22
N LYS A 50 -21.55 -25.62 -15.21
CA LYS A 50 -20.20 -26.01 -15.58
C LYS A 50 -19.37 -24.74 -15.61
N VAL A 51 -18.29 -24.72 -14.82
CA VAL A 51 -17.50 -23.50 -14.62
C VAL A 51 -16.04 -23.80 -14.96
N LYS A 52 -15.42 -22.90 -15.71
CA LYS A 52 -14.02 -23.02 -16.09
C LYS A 52 -13.29 -21.74 -15.71
N SER A 53 -12.22 -21.86 -14.94
CA SER A 53 -11.31 -20.75 -14.67
C SER A 53 -10.04 -20.97 -15.46
N THR A 54 -9.63 -19.97 -16.23
N THR A 54 -9.62 -19.96 -16.22
CA THR A 54 -8.49 -20.13 -17.13
CA THR A 54 -8.52 -20.10 -17.16
C THR A 54 -7.63 -18.89 -17.11
C THR A 54 -7.64 -18.87 -17.16
N SER A 55 -6.34 -19.11 -17.36
CA SER A 55 -5.35 -18.08 -17.61
C SER A 55 -4.30 -18.71 -18.52
N THR A 56 -3.22 -17.99 -18.79
CA THR A 56 -2.17 -18.63 -19.57
C THR A 56 -1.42 -19.70 -18.77
N PHE A 57 -1.70 -19.80 -17.47
CA PHE A 57 -0.96 -20.66 -16.55
C PHE A 57 -1.77 -21.82 -16.00
N TRP A 58 -3.10 -21.76 -16.02
CA TRP A 58 -3.90 -22.85 -15.47
C TRP A 58 -5.22 -22.97 -16.22
N ASN A 59 -5.85 -24.12 -16.03
CA ASN A 59 -7.17 -24.41 -16.58
C ASN A 59 -7.86 -25.30 -15.55
N TYR A 60 -8.90 -24.78 -14.89
CA TYR A 60 -9.54 -25.45 -13.76
C TYR A 60 -11.04 -25.53 -14.02
N ASP A 61 -11.57 -26.74 -14.12
CA ASP A 61 -12.99 -26.93 -14.42
C ASP A 61 -13.68 -27.67 -13.28
N VAL A 62 -14.94 -27.31 -13.05
CA VAL A 62 -15.76 -27.97 -12.03
C VAL A 62 -17.20 -27.95 -12.53
N ASP A 63 -17.89 -29.07 -12.30
CA ASP A 63 -19.32 -29.18 -12.58
C ASP A 63 -20.04 -29.44 -11.27
N PHE A 64 -21.21 -28.82 -11.10
CA PHE A 64 -21.97 -29.06 -9.88
C PHE A 64 -23.44 -28.76 -10.13
N THR A 65 -24.27 -29.27 -9.22
CA THR A 65 -25.69 -29.00 -9.20
C THR A 65 -25.99 -28.21 -7.94
N VAL A 66 -26.63 -27.05 -8.11
CA VAL A 66 -26.98 -26.24 -6.95
C VAL A 66 -27.81 -27.09 -5.99
N GLY A 67 -27.46 -27.03 -4.70
CA GLY A 67 -28.21 -27.70 -3.66
C GLY A 67 -27.84 -29.15 -3.44
N VAL A 68 -26.82 -29.66 -4.12
CA VAL A 68 -26.43 -31.07 -4.03
C VAL A 68 -24.98 -31.13 -3.58
N GLU A 69 -24.74 -31.68 -2.39
CA GLU A 69 -23.37 -31.76 -1.88
C GLU A 69 -22.53 -32.66 -2.79
N PHE A 70 -21.27 -32.29 -2.98
CA PHE A 70 -20.37 -33.18 -3.71
C PHE A 70 -18.99 -33.20 -3.06
N ASP A 71 -18.43 -34.41 -2.98
CA ASP A 71 -17.05 -34.57 -2.58
C ASP A 71 -16.15 -34.23 -3.74
N GLU A 72 -15.11 -33.48 -3.45
CA GLU A 72 -14.31 -32.86 -4.49
C GLU A 72 -12.84 -32.94 -4.15
N TYR A 73 -12.02 -33.23 -5.16
CA TYR A 73 -10.57 -33.06 -5.08
C TYR A 73 -10.22 -31.77 -5.82
N THR A 74 -9.49 -30.87 -5.15
CA THR A 74 -9.22 -29.57 -5.75
C THR A 74 -8.03 -29.60 -6.71
N LYS A 75 -7.50 -30.77 -7.03
CA LYS A 75 -6.67 -30.98 -8.24
C LYS A 75 -5.50 -29.98 -8.25
N SER A 76 -5.23 -29.31 -9.37
CA SER A 76 -3.98 -28.57 -9.47
C SER A 76 -3.99 -27.28 -8.68
N LEU A 77 -5.16 -26.84 -8.16
CA LEU A 77 -5.16 -25.68 -7.26
C LEU A 77 -4.28 -25.99 -6.05
N ASP A 78 -4.78 -26.80 -5.10
CA ASP A 78 -3.98 -27.15 -3.93
C ASP A 78 -4.07 -28.62 -3.51
N ASN A 79 -4.59 -29.51 -4.36
CA ASN A 79 -4.50 -30.96 -4.12
C ASN A 79 -5.08 -31.37 -2.77
N ARG A 80 -6.30 -30.92 -2.47
CA ARG A 80 -6.96 -31.27 -1.22
C ARG A 80 -8.35 -31.80 -1.48
N HIS A 81 -8.84 -32.62 -0.55
CA HIS A 81 -10.21 -33.12 -0.57
C HIS A 81 -11.10 -32.23 0.29
N VAL A 82 -12.23 -31.82 -0.28
CA VAL A 82 -13.25 -31.04 0.43
C VAL A 82 -14.62 -31.63 0.12
N LYS A 83 -15.59 -31.31 0.99
CA LYS A 83 -17.01 -31.51 0.70
C LYS A 83 -17.57 -30.16 0.31
N ALA A 84 -18.05 -30.05 -0.93
CA ALA A 84 -18.45 -28.76 -1.49
C ALA A 84 -19.96 -28.69 -1.63
N LEU A 85 -20.51 -27.49 -1.44
CA LEU A 85 -21.94 -27.27 -1.59
C LEU A 85 -22.15 -25.88 -2.14
N VAL A 86 -22.91 -25.75 -3.23
CA VAL A 86 -23.19 -24.46 -3.86
C VAL A 86 -24.68 -24.19 -3.74
N THR A 87 -25.04 -23.00 -3.25
CA THR A 87 -26.43 -22.64 -3.05
C THR A 87 -26.63 -21.16 -3.39
N TRP A 88 -27.89 -20.75 -3.42
CA TRP A 88 -28.28 -19.37 -3.66
C TRP A 88 -28.61 -18.68 -2.33
N GLU A 89 -28.03 -17.51 -2.12
CA GLU A 89 -28.44 -16.58 -1.08
C GLU A 89 -28.93 -15.34 -1.81
N GLY A 90 -30.23 -15.21 -1.97
CA GLY A 90 -30.75 -14.17 -2.86
C GLY A 90 -30.26 -14.46 -4.26
N ASP A 91 -29.60 -13.49 -4.89
CA ASP A 91 -29.00 -13.70 -6.20
C ASP A 91 -27.48 -13.85 -6.11
N VAL A 92 -26.95 -14.19 -4.93
CA VAL A 92 -25.53 -14.48 -4.76
C VAL A 92 -25.34 -15.99 -4.78
N LEU A 93 -24.45 -16.46 -5.64
CA LEU A 93 -24.12 -17.88 -5.72
C LEU A 93 -22.98 -18.15 -4.75
N VAL A 94 -23.21 -19.03 -3.77
CA VAL A 94 -22.32 -19.20 -2.63
C VAL A 94 -21.84 -20.66 -2.59
N CYS A 95 -20.53 -20.85 -2.61
CA CYS A 95 -19.91 -22.16 -2.44
C CYS A 95 -19.21 -22.21 -1.10
N VAL A 96 -19.45 -23.28 -0.34
CA VAL A 96 -18.71 -23.59 0.87
C VAL A 96 -18.00 -24.92 0.64
N GLN A 97 -16.72 -24.97 0.97
CA GLN A 97 -15.89 -26.17 0.79
C GLN A 97 -15.38 -26.58 2.17
N LYS A 98 -16.03 -27.60 2.75
CA LYS A 98 -15.68 -28.06 4.09
C LYS A 98 -14.43 -28.93 4.04
N GLY A 99 -13.47 -28.64 4.93
CA GLY A 99 -12.23 -29.40 4.93
C GLY A 99 -11.21 -28.81 5.88
N GLU A 100 -9.94 -28.94 5.49
CA GLU A 100 -8.83 -28.53 6.35
C GLU A 100 -8.85 -27.03 6.61
N LYS A 101 -9.15 -26.23 5.60
CA LYS A 101 -9.07 -24.78 5.71
C LYS A 101 -10.40 -24.21 6.19
N GLU A 102 -10.32 -23.17 7.03
CA GLU A 102 -11.51 -22.48 7.48
C GLU A 102 -11.97 -21.46 6.44
N ASN A 103 -13.27 -21.15 6.48
CA ASN A 103 -13.84 -20.08 5.65
C ASN A 103 -13.53 -20.25 4.17
N ARG A 104 -13.47 -21.48 3.68
CA ARG A 104 -13.03 -21.73 2.31
C ARG A 104 -14.22 -21.81 1.36
N GLY A 105 -14.14 -21.10 0.25
CA GLY A 105 -15.22 -21.11 -0.72
C GLY A 105 -15.14 -19.91 -1.65
N TRP A 106 -16.28 -19.58 -2.23
CA TRP A 106 -16.35 -18.41 -3.09
C TRP A 106 -17.80 -17.95 -3.19
N LYS A 107 -17.96 -16.73 -3.72
CA LYS A 107 -19.26 -16.17 -4.05
C LYS A 107 -19.17 -15.50 -5.41
N LYS A 108 -20.27 -15.51 -6.14
CA LYS A 108 -20.36 -14.86 -7.42
C LYS A 108 -21.72 -14.21 -7.51
N TRP A 109 -21.75 -13.01 -8.06
CA TRP A 109 -23.03 -12.35 -8.30
C TRP A 109 -22.88 -11.38 -9.48
N ILE A 110 -24.02 -11.05 -10.07
CA ILE A 110 -24.11 -10.14 -11.20
C ILE A 110 -24.47 -8.75 -10.69
N GLU A 111 -23.74 -7.74 -11.14
CA GLU A 111 -24.01 -6.33 -10.85
C GLU A 111 -23.95 -5.65 -12.21
N GLY A 112 -25.10 -5.46 -12.83
CA GLY A 112 -25.14 -4.88 -14.17
C GLY A 112 -24.69 -5.87 -15.22
N ASP A 113 -23.73 -5.44 -16.05
CA ASP A 113 -23.17 -6.26 -17.11
C ASP A 113 -21.87 -6.93 -16.68
N LYS A 114 -21.61 -6.99 -15.37
CA LYS A 114 -20.36 -7.49 -14.83
C LYS A 114 -20.63 -8.59 -13.81
N LEU A 115 -19.65 -9.48 -13.66
CA LEU A 115 -19.68 -10.56 -12.69
C LEU A 115 -18.68 -10.25 -11.59
N TYR A 116 -19.16 -10.25 -10.34
CA TYR A 116 -18.33 -10.03 -9.17
C TYR A 116 -18.06 -11.36 -8.48
N GLU A 117 -16.85 -11.56 -8.05
CA GLU A 117 -16.45 -12.77 -7.42
C GLU A 117 -15.62 -12.53 -6.13
N GLU A 118 -15.91 -13.31 -5.11
CA GLU A 118 -15.12 -13.33 -3.88
C GLU A 118 -14.54 -14.73 -3.75
N LEU A 119 -13.24 -14.82 -3.52
CA LEU A 119 -12.57 -16.09 -3.18
C LEU A 119 -12.10 -15.97 -1.73
N THR A 120 -12.44 -16.96 -0.90
CA THR A 120 -12.15 -16.84 0.52
C THR A 120 -11.42 -18.08 1.03
N CYS A 121 -10.51 -17.86 1.97
CA CYS A 121 -9.79 -18.94 2.63
C CYS A 121 -9.12 -18.35 3.86
N GLY A 122 -9.31 -18.99 5.01
CA GLY A 122 -8.75 -18.42 6.24
C GLY A 122 -9.30 -17.02 6.47
N ASP A 123 -8.41 -16.07 6.76
CA ASP A 123 -8.80 -14.69 6.94
C ASP A 123 -8.58 -13.84 5.69
N GLN A 124 -8.39 -14.47 4.55
CA GLN A 124 -8.11 -13.76 3.31
C GLN A 124 -9.33 -13.75 2.40
N VAL A 125 -9.58 -12.60 1.78
CA VAL A 125 -10.63 -12.46 0.78
C VAL A 125 -10.02 -11.83 -0.46
N CYS A 126 -10.17 -12.49 -1.60
CA CYS A 126 -9.77 -11.96 -2.90
C CYS A 126 -11.03 -11.50 -3.63
N ARG A 127 -11.01 -10.28 -4.16
CA ARG A 127 -12.17 -9.72 -4.85
C ARG A 127 -11.82 -9.49 -6.30
N GLN A 128 -12.71 -9.96 -7.19
CA GLN A 128 -12.47 -9.88 -8.63
C GLN A 128 -13.72 -9.32 -9.32
N VAL A 129 -13.50 -8.68 -10.46
CA VAL A 129 -14.58 -8.22 -11.31
C VAL A 129 -14.31 -8.63 -12.75
N PHE A 130 -15.36 -9.15 -13.41
CA PHE A 130 -15.29 -9.63 -14.77
C PHE A 130 -16.33 -8.92 -15.62
N LYS A 131 -15.97 -8.66 -16.87
CA LYS A 131 -16.86 -8.08 -17.87
C LYS A 131 -17.37 -9.17 -18.80
N LYS A 132 -18.63 -9.05 -19.20
CA LYS A 132 -19.19 -10.05 -20.10
C LYS A 132 -18.65 -9.84 -21.50
N LYS A 133 -18.01 -10.86 -22.06
CA LYS A 133 -17.40 -10.72 -23.38
C LYS A 133 -18.41 -11.05 -24.48
N THR B 1 -19.48 6.25 18.47
CA THR B 1 -20.24 5.05 18.78
C THR B 1 -19.33 3.88 19.14
N ARG B 2 -19.83 2.67 18.99
CA ARG B 2 -19.06 1.48 19.30
C ARG B 2 -18.35 0.92 18.08
N ASP B 3 -18.60 1.50 16.94
CA ASP B 3 -17.96 1.05 15.75
C ASP B 3 -16.50 1.47 15.62
N GLN B 4 -15.60 0.53 15.89
CA GLN B 4 -14.19 0.84 15.81
C GLN B 4 -13.54 0.24 14.56
N ASN B 5 -14.34 -0.19 13.59
CA ASN B 5 -13.80 -0.74 12.35
C ASN B 5 -12.84 0.23 11.67
N GLY B 6 -11.79 -0.32 11.09
CA GLY B 6 -10.97 0.48 10.21
C GLY B 6 -9.48 0.23 10.29
N THR B 7 -8.73 0.90 9.43
CA THR B 7 -7.28 0.97 9.49
C THR B 7 -6.94 2.32 10.12
N TRP B 8 -6.27 2.28 11.26
CA TRP B 8 -6.01 3.46 12.08
C TRP B 8 -4.52 3.73 12.10
N GLU B 9 -4.13 4.96 11.80
CA GLU B 9 -2.74 5.34 11.77
C GLU B 9 -2.40 6.25 12.93
N MET B 10 -1.26 6.02 13.52
CA MET B 10 -0.93 6.73 14.74
C MET B 10 -0.69 8.21 14.45
N GLU B 11 -1.28 9.06 15.29
CA GLU B 11 -1.03 10.49 15.32
C GLU B 11 -0.19 10.92 16.52
N SER B 12 -0.37 10.28 17.67
CA SER B 12 0.41 10.66 18.85
C SER B 12 0.58 9.47 19.78
N ASN B 13 1.67 9.50 20.55
CA ASN B 13 2.06 8.41 21.43
C ASN B 13 2.71 9.03 22.66
N GLU B 14 2.18 8.73 23.85
CA GLU B 14 2.71 9.27 25.10
C GLU B 14 3.02 8.13 26.08
N ASN B 15 4.23 8.15 26.64
CA ASN B 15 4.69 7.19 27.65
C ASN B 15 4.67 5.75 27.16
N PHE B 16 4.89 5.53 25.86
CA PHE B 16 5.01 4.15 25.37
C PHE B 16 6.14 3.41 26.08
N GLU B 17 7.26 4.09 26.34
CA GLU B 17 8.39 3.40 26.96
C GLU B 17 8.11 3.04 28.41
N GLY B 18 7.37 3.88 29.13
CA GLY B 18 6.98 3.52 30.49
C GLY B 18 6.17 2.25 30.53
N TRP B 19 5.18 2.15 29.63
CA TRP B 19 4.38 0.93 29.53
C TRP B 19 5.26 -0.29 29.21
N MET B 20 6.16 -0.15 28.24
CA MET B 20 7.02 -1.29 27.89
C MET B 20 7.93 -1.66 29.05
N LYS B 21 8.41 -0.66 29.80
CA LYS B 21 9.26 -0.96 30.95
C LYS B 21 8.49 -1.74 32.00
N ALA B 22 7.24 -1.37 32.25
CA ALA B 22 6.44 -2.08 33.23
C ALA B 22 6.19 -3.53 32.83
N LEU B 23 6.27 -3.83 31.53
CA LEU B 23 6.20 -5.20 31.06
C LEU B 23 7.57 -5.90 31.05
N ASP B 24 8.63 -5.21 31.43
CA ASP B 24 9.98 -5.77 31.50
C ASP B 24 10.56 -6.07 30.12
N ILE B 25 10.05 -5.41 29.08
CA ILE B 25 10.66 -5.51 27.76
C ILE B 25 12.11 -5.03 27.85
N ASP B 26 13.00 -5.74 27.18
CA ASP B 26 14.43 -5.50 27.31
C ASP B 26 14.84 -4.18 26.65
N PHE B 27 15.99 -3.67 27.10
CA PHE B 27 16.47 -2.35 26.69
C PHE B 27 16.49 -2.21 25.16
N ALA B 28 17.04 -3.20 24.46
CA ALA B 28 17.21 -3.07 23.02
C ALA B 28 15.87 -2.94 22.32
N THR B 29 14.91 -3.79 22.69
CA THR B 29 13.60 -3.73 22.04
C THR B 29 12.90 -2.41 22.32
N ARG B 30 12.96 -1.94 23.57
CA ARG B 30 12.31 -0.68 23.93
C ARG B 30 12.92 0.50 23.18
N LYS B 31 14.26 0.52 23.08
CA LYS B 31 14.91 1.67 22.47
C LYS B 31 14.59 1.77 20.98
N ILE B 32 14.42 0.64 20.30
CA ILE B 32 13.96 0.69 18.92
C ILE B 32 12.47 1.02 18.85
N ALA B 33 11.66 0.29 19.63
CA ALA B 33 10.20 0.38 19.50
C ALA B 33 9.67 1.79 19.80
N VAL B 34 10.30 2.50 20.73
CA VAL B 34 9.74 3.78 21.15
C VAL B 34 9.84 4.82 20.03
N ARG B 35 10.65 4.57 19.00
CA ARG B 35 10.83 5.52 17.90
C ARG B 35 9.74 5.44 16.86
N LEU B 36 8.91 4.41 16.88
CA LEU B 36 8.21 3.95 15.69
C LEU B 36 6.75 4.39 15.66
N THR B 37 6.29 4.68 14.46
CA THR B 37 4.88 4.91 14.23
C THR B 37 4.14 3.58 14.16
N GLN B 38 2.92 3.55 14.69
CA GLN B 38 2.15 2.32 14.73
C GLN B 38 0.91 2.44 13.85
N THR B 39 0.36 1.27 13.50
CA THR B 39 -0.93 1.16 12.82
C THR B 39 -1.77 0.14 13.58
N LEU B 40 -3.07 0.39 13.68
CA LEU B 40 -4.01 -0.55 14.25
C LEU B 40 -5.06 -0.89 13.19
N VAL B 41 -5.26 -2.18 12.93
CA VAL B 41 -6.31 -2.62 12.01
C VAL B 41 -7.34 -3.38 12.83
N ILE B 42 -8.58 -2.90 12.81
CA ILE B 42 -9.66 -3.49 13.59
C ILE B 42 -10.75 -3.96 12.64
N ASP B 43 -11.13 -5.24 12.76
CA ASP B 43 -12.26 -5.83 12.06
C ASP B 43 -13.28 -6.19 13.12
N GLN B 44 -14.45 -5.57 13.07
CA GLN B 44 -15.46 -5.71 14.13
C GLN B 44 -16.79 -6.07 13.51
N ASP B 45 -17.37 -7.17 13.97
CA ASP B 45 -18.70 -7.59 13.52
C ASP B 45 -19.47 -8.09 14.75
N GLY B 46 -20.43 -7.31 15.22
CA GLY B 46 -21.10 -7.65 16.47
C GLY B 46 -20.09 -7.75 17.60
N ASP B 47 -20.06 -8.90 18.27
CA ASP B 47 -19.10 -9.11 19.35
C ASP B 47 -17.74 -9.58 18.86
N ASN B 48 -17.62 -9.97 17.60
CA ASN B 48 -16.40 -10.62 17.11
C ASN B 48 -15.41 -9.56 16.65
N PHE B 49 -14.22 -9.54 17.27
CA PHE B 49 -13.17 -8.60 16.93
C PHE B 49 -11.95 -9.33 16.40
N LYS B 50 -11.29 -8.74 15.41
CA LYS B 50 -9.95 -9.14 14.99
C LYS B 50 -9.09 -7.88 14.99
N VAL B 51 -8.05 -7.85 15.80
CA VAL B 51 -7.26 -6.65 16.01
C VAL B 51 -5.81 -6.94 15.66
N LYS B 52 -5.19 -6.04 14.91
CA LYS B 52 -3.78 -6.16 14.54
C LYS B 52 -3.05 -4.88 14.88
N SER B 53 -1.97 -5.00 15.66
CA SER B 53 -1.08 -3.88 15.93
C SER B 53 0.22 -4.10 15.16
N THR B 54 0.64 -3.10 14.38
CA THR B 54 1.78 -3.27 13.50
C THR B 54 2.64 -2.02 13.49
N SER B 55 3.93 -2.22 13.27
CA SER B 55 4.93 -1.19 12.99
C SER B 55 5.96 -1.83 12.07
N THR B 56 7.04 -1.12 11.78
CA THR B 56 8.07 -1.79 10.98
C THR B 56 8.81 -2.84 11.78
N PHE B 57 8.53 -2.96 13.08
CA PHE B 57 9.28 -3.79 14.00
C PHE B 57 8.47 -4.94 14.63
N TRP B 58 7.13 -4.87 14.63
CA TRP B 58 6.33 -5.97 15.16
C TRP B 58 5.02 -6.08 14.40
N ASN B 59 4.36 -7.21 14.61
CA ASN B 59 3.04 -7.49 14.05
C ASN B 59 2.34 -8.39 15.06
N TYR B 60 1.34 -7.86 15.76
CA TYR B 60 0.70 -8.55 16.88
C TYR B 60 -0.79 -8.64 16.59
N ASP B 61 -1.32 -9.87 16.50
CA ASP B 61 -2.73 -10.08 16.18
C ASP B 61 -3.42 -10.78 17.34
N VAL B 62 -4.67 -10.41 17.56
CA VAL B 62 -5.51 -11.07 18.56
C VAL B 62 -6.94 -11.08 18.07
N ASP B 63 -7.63 -12.20 18.27
CA ASP B 63 -9.05 -12.31 17.99
C ASP B 63 -9.77 -12.58 19.30
N PHE B 64 -10.93 -11.96 19.49
CA PHE B 64 -11.70 -12.18 20.71
C PHE B 64 -13.17 -11.90 20.46
N THR B 65 -14.00 -12.39 21.36
CA THR B 65 -15.43 -12.12 21.38
C THR B 65 -15.73 -11.31 22.63
N VAL B 66 -16.37 -10.16 22.46
CA VAL B 66 -16.73 -9.34 23.62
C VAL B 66 -17.56 -10.20 24.57
N GLY B 67 -17.21 -10.14 25.86
CA GLY B 67 -17.97 -10.82 26.89
C GLY B 67 -17.59 -12.28 27.13
N VAL B 68 -16.56 -12.80 26.45
CA VAL B 68 -16.16 -14.20 26.57
C VAL B 68 -14.71 -14.23 27.02
N GLU B 69 -14.47 -14.78 28.21
CA GLU B 69 -13.11 -14.88 28.72
C GLU B 69 -12.27 -15.77 27.82
N PHE B 70 -10.99 -15.42 27.67
CA PHE B 70 -10.10 -16.30 26.90
C PHE B 70 -8.70 -16.33 27.50
N ASP B 71 -8.16 -17.54 27.61
CA ASP B 71 -6.77 -17.71 27.98
C ASP B 71 -5.87 -17.33 26.83
N GLU B 72 -4.81 -16.59 27.14
CA GLU B 72 -4.01 -16.00 26.09
C GLU B 72 -2.55 -16.06 26.45
N TYR B 73 -1.72 -16.37 25.44
CA TYR B 73 -0.28 -16.18 25.51
C TYR B 73 0.06 -14.89 24.77
N THR B 74 0.81 -13.99 25.42
CA THR B 74 1.07 -12.68 24.82
C THR B 74 2.25 -12.69 23.84
N LYS B 75 2.80 -13.88 23.54
CA LYS B 75 3.57 -14.11 22.32
C LYS B 75 4.74 -13.12 22.29
N SER B 76 4.96 -12.40 21.19
CA SER B 76 6.22 -11.67 21.07
C SER B 76 6.24 -10.41 21.92
N LEU B 77 5.10 -9.96 22.45
CA LEU B 77 5.10 -8.82 23.36
C LEU B 77 5.97 -9.14 24.57
N ASP B 78 5.46 -9.94 25.52
CA ASP B 78 6.27 -10.31 26.70
C ASP B 78 6.17 -11.78 27.10
N ASN B 79 5.65 -12.66 26.26
CA ASN B 79 5.74 -14.11 26.48
C ASN B 79 5.18 -14.51 27.84
N ARG B 80 3.98 -14.04 28.15
CA ARG B 80 3.32 -14.38 29.40
C ARG B 80 1.92 -14.91 29.14
N HIS B 81 1.43 -15.72 30.08
CA HIS B 81 0.06 -16.23 30.06
C HIS B 81 -0.83 -15.34 30.92
N VAL B 82 -1.99 -14.96 30.38
CA VAL B 82 -3.00 -14.17 31.09
C VAL B 82 -4.38 -14.75 30.79
N LYS B 83 -5.35 -14.44 31.65
CA LYS B 83 -6.78 -14.58 31.34
C LYS B 83 -7.29 -13.23 30.89
N ALA B 84 -7.83 -13.16 29.68
CA ALA B 84 -8.21 -11.88 29.12
C ALA B 84 -9.71 -11.82 28.94
N LEU B 85 -10.26 -10.62 29.16
CA LEU B 85 -11.69 -10.41 28.99
C LEU B 85 -11.89 -9.01 28.44
N VAL B 86 -12.66 -8.89 27.35
CA VAL B 86 -12.93 -7.60 26.73
C VAL B 86 -14.42 -7.32 26.84
N THR B 87 -14.78 -6.14 27.34
CA THR B 87 -16.17 -5.78 27.57
C THR B 87 -16.38 -4.30 27.24
N TRP B 88 -17.64 -3.89 27.20
CA TRP B 88 -18.03 -2.49 26.94
C TRP B 88 -18.37 -1.80 28.26
N GLU B 89 -17.79 -0.63 28.47
CA GLU B 89 -18.20 0.31 29.51
C GLU B 89 -18.69 1.56 28.77
N GLY B 90 -19.99 1.68 28.58
CA GLY B 90 -20.49 2.70 27.68
C GLY B 90 -20.01 2.41 26.28
N ASP B 91 -19.34 3.38 25.66
CA ASP B 91 -18.72 3.15 24.36
C ASP B 91 -17.20 3.00 24.45
N VAL B 92 -16.68 2.68 25.64
CA VAL B 92 -15.26 2.42 25.83
C VAL B 92 -15.07 0.91 25.81
N LEU B 93 -14.17 0.44 24.94
CA LEU B 93 -13.86 -0.99 24.88
C LEU B 93 -12.72 -1.25 25.86
N VAL B 94 -12.94 -2.14 26.82
CA VAL B 94 -12.06 -2.32 27.97
C VAL B 94 -11.58 -3.77 28.00
N CYS B 95 -10.27 -3.96 28.00
CA CYS B 95 -9.66 -5.26 28.14
C CYS B 95 -8.94 -5.33 29.47
N VAL B 96 -9.19 -6.39 30.24
CA VAL B 96 -8.46 -6.70 31.46
C VAL B 96 -7.75 -8.03 31.23
N GLN B 97 -6.47 -8.08 31.56
CA GLN B 97 -5.64 -9.27 31.39
C GLN B 97 -5.14 -9.69 32.77
N LYS B 98 -5.77 -10.72 33.33
CA LYS B 98 -5.44 -11.16 34.68
C LYS B 98 -4.17 -12.01 34.65
N GLY B 99 -3.23 -11.69 35.53
CA GLY B 99 -1.88 -12.18 35.34
C GLY B 99 -0.90 -11.81 36.44
N GLU B 100 0.38 -12.07 36.18
CA GLU B 100 1.46 -11.63 37.06
C GLU B 100 1.43 -10.12 37.27
N LYS B 101 1.09 -9.36 36.24
CA LYS B 101 1.15 -7.90 36.30
C LYS B 101 -0.17 -7.33 36.78
N GLU B 102 -0.09 -6.31 37.63
CA GLU B 102 -1.28 -5.61 38.10
C GLU B 102 -1.75 -4.60 37.07
N ASN B 103 -3.05 -4.28 37.12
CA ASN B 103 -3.63 -3.21 36.30
C ASN B 103 -3.31 -3.37 34.81
N ARG B 104 -3.27 -4.60 34.31
CA ARG B 104 -2.80 -4.87 32.95
C ARG B 104 -3.98 -4.93 31.97
N GLY B 105 -3.86 -4.21 30.86
CA GLY B 105 -4.93 -4.23 29.88
C GLY B 105 -4.87 -3.01 28.98
N TRP B 106 -6.03 -2.68 28.40
CA TRP B 106 -6.11 -1.53 27.52
C TRP B 106 -7.55 -1.06 27.42
N LYS B 107 -7.71 0.15 26.88
CA LYS B 107 -9.03 0.69 26.58
C LYS B 107 -8.95 1.38 25.22
N LYS B 108 -10.05 1.35 24.48
CA LYS B 108 -10.11 2.04 23.20
C LYS B 108 -11.47 2.69 23.10
N TRP B 109 -11.51 3.90 22.54
CA TRP B 109 -12.78 4.56 22.29
C TRP B 109 -12.63 5.51 21.12
N ILE B 110 -13.77 5.84 20.52
CA ILE B 110 -13.86 6.76 19.39
C ILE B 110 -14.24 8.13 19.90
N GLU B 111 -13.49 9.15 19.47
CA GLU B 111 -13.78 10.56 19.73
C GLU B 111 -13.71 11.23 18.36
N GLY B 112 -14.87 11.46 17.75
CA GLY B 112 -14.88 12.05 16.42
C GLY B 112 -14.46 11.05 15.36
N ASP B 113 -13.50 11.47 14.52
CA ASP B 113 -12.95 10.61 13.49
C ASP B 113 -11.66 9.92 13.93
N LYS B 114 -11.40 9.87 15.24
CA LYS B 114 -10.14 9.39 15.77
C LYS B 114 -10.38 8.28 16.78
N LEU B 115 -9.40 7.40 16.91
CA LEU B 115 -9.40 6.32 17.89
C LEU B 115 -8.40 6.63 19.00
N TYR B 116 -8.87 6.60 20.24
CA TYR B 116 -8.04 6.83 21.42
C TYR B 116 -7.79 5.51 22.12
N GLU B 117 -6.56 5.31 22.56
CA GLU B 117 -6.14 4.06 23.18
C GLU B 117 -5.38 4.36 24.46
N GLU B 118 -5.64 3.56 25.50
CA GLU B 118 -4.87 3.53 26.73
C GLU B 118 -4.28 2.13 26.87
N LEU B 119 -2.98 2.06 27.08
CA LEU B 119 -2.32 0.79 27.41
C LEU B 119 -1.84 0.91 28.86
N THR B 120 -2.17 -0.08 29.68
CA THR B 120 -1.88 0.04 31.11
C THR B 120 -1.14 -1.20 31.59
N CYS B 121 -0.25 -0.99 32.54
CA CYS B 121 0.46 -2.07 33.20
C CYS B 121 1.13 -1.48 34.43
N GLY B 122 0.90 -2.10 35.59
CA GLY B 122 1.47 -1.55 36.81
C GLY B 122 0.92 -0.16 37.09
N ASP B 123 1.81 0.78 37.37
CA ASP B 123 1.42 2.17 37.57
C ASP B 123 1.62 3.03 36.32
N GLN B 124 1.85 2.39 35.17
CA GLN B 124 2.12 3.11 33.94
C GLN B 124 0.91 3.14 33.03
N VAL B 125 0.70 4.27 32.37
CA VAL B 125 -0.37 4.42 31.38
C VAL B 125 0.24 5.05 30.13
N CYS B 126 0.07 4.37 28.99
CA CYS B 126 0.47 4.90 27.68
C CYS B 126 -0.79 5.38 26.96
N ARG B 127 -0.76 6.60 26.43
CA ARG B 127 -1.91 7.17 25.74
C ARG B 127 -1.55 7.41 24.28
N GLN B 128 -2.41 6.95 23.38
CA GLN B 128 -2.18 7.04 21.95
C GLN B 128 -3.42 7.58 21.26
N VAL B 129 -3.22 8.19 20.09
CA VAL B 129 -4.31 8.66 19.26
C VAL B 129 -4.02 8.24 17.82
N PHE B 130 -5.05 7.71 17.15
CA PHE B 130 -4.98 7.24 15.78
C PHE B 130 -6.03 7.95 14.93
N LYS B 131 -5.70 8.21 13.67
CA LYS B 131 -6.63 8.79 12.71
C LYS B 131 -7.13 7.69 11.78
N LYS B 132 -8.41 7.78 11.41
CA LYS B 132 -8.98 6.78 10.52
C LYS B 132 -8.47 7.00 9.10
N LYS B 133 -7.81 6.00 8.54
CA LYS B 133 -7.25 6.12 7.20
C LYS B 133 -8.31 5.85 6.13
N THR C 1 9.51 -8.95 -36.71
CA THR C 1 8.56 -8.04 -37.35
C THR C 1 8.46 -6.71 -36.60
N ARG C 2 8.40 -5.62 -37.36
CA ARG C 2 8.18 -4.29 -36.80
C ARG C 2 6.70 -3.91 -36.78
N ASP C 3 5.82 -4.77 -37.26
CA ASP C 3 4.41 -4.45 -37.37
C ASP C 3 3.72 -4.71 -36.04
N GLN C 4 3.39 -3.64 -35.31
CA GLN C 4 2.71 -3.77 -34.02
C GLN C 4 1.24 -3.38 -34.08
N ASN C 5 0.64 -3.36 -35.28
CA ASN C 5 -0.78 -3.02 -35.41
C ASN C 5 -1.67 -3.96 -34.61
N GLY C 6 -2.71 -3.39 -33.99
CA GLY C 6 -3.74 -4.24 -33.44
C GLY C 6 -4.37 -3.77 -32.15
N THR C 7 -5.36 -4.54 -31.69
CA THR C 7 -5.94 -4.39 -30.37
C THR C 7 -5.33 -5.49 -29.49
N TRP C 8 -4.63 -5.08 -28.44
CA TRP C 8 -3.84 -5.98 -27.61
C TRP C 8 -4.44 -6.02 -26.20
N GLU C 9 -4.74 -7.22 -25.72
CA GLU C 9 -5.36 -7.45 -24.42
C GLU C 9 -4.32 -7.96 -23.45
N MET C 10 -4.28 -7.38 -22.26
CA MET C 10 -3.23 -7.72 -21.30
C MET C 10 -3.37 -9.17 -20.84
N GLU C 11 -2.24 -9.89 -20.84
CA GLU C 11 -2.12 -11.22 -20.27
C GLU C 11 -1.35 -11.25 -18.97
N SER C 12 -0.35 -10.39 -18.80
CA SER C 12 0.41 -10.36 -17.56
C SER C 12 0.97 -8.97 -17.30
N ASN C 13 1.17 -8.67 -16.03
CA ASN C 13 1.62 -7.37 -15.55
C ASN C 13 2.53 -7.59 -14.36
N GLU C 14 3.76 -7.07 -14.42
CA GLU C 14 4.74 -7.23 -13.35
C GLU C 14 5.29 -5.88 -12.93
N ASN C 15 5.24 -5.59 -11.63
CA ASN C 15 5.81 -4.37 -11.04
C ASN C 15 5.15 -3.11 -11.60
N PHE C 16 3.88 -3.19 -11.99
CA PHE C 16 3.18 -1.97 -12.38
C PHE C 16 3.20 -0.94 -11.25
N GLU C 17 3.08 -1.38 -10.00
CA GLU C 17 3.03 -0.41 -8.91
C GLU C 17 4.38 0.27 -8.68
N GLY C 18 5.48 -0.47 -8.86
CA GLY C 18 6.79 0.16 -8.72
C GLY C 18 7.00 1.25 -9.74
N TRP C 19 6.63 1.00 -10.99
CA TRP C 19 6.74 2.03 -12.01
C TRP C 19 5.89 3.24 -11.65
N MET C 20 4.66 3.02 -11.20
CA MET C 20 3.81 4.16 -10.84
C MET C 20 4.36 4.93 -9.65
N LYS C 21 4.94 4.23 -8.67
CA LYS C 21 5.56 4.92 -7.54
C LYS C 21 6.70 5.82 -8.00
N ALA C 22 7.53 5.31 -8.91
CA ALA C 22 8.66 6.09 -9.40
C ALA C 22 8.21 7.35 -10.13
N LEU C 23 6.99 7.37 -10.65
CA LEU C 23 6.41 8.59 -11.22
C LEU C 23 5.71 9.46 -10.19
N ASP C 24 5.65 9.01 -8.92
CA ASP C 24 5.05 9.78 -7.83
C ASP C 24 3.53 9.84 -7.92
N ILE C 25 2.92 8.86 -8.59
CA ILE C 25 1.47 8.78 -8.61
C ILE C 25 0.94 8.51 -7.20
N ASP C 26 -0.11 9.24 -6.81
CA ASP C 26 -0.63 9.20 -5.46
C ASP C 26 -1.14 7.82 -5.07
N PHE C 27 -1.18 7.58 -3.75
CA PHE C 27 -1.58 6.29 -3.22
C PHE C 27 -2.93 5.81 -3.77
N ALA C 28 -3.95 6.67 -3.72
CA ALA C 28 -5.28 6.23 -4.13
C ALA C 28 -5.27 5.74 -5.57
N THR C 29 -4.63 6.48 -6.46
CA THR C 29 -4.63 6.11 -7.88
C THR C 29 -3.86 4.81 -8.11
N ARG C 30 -2.71 4.66 -7.45
CA ARG C 30 -1.94 3.43 -7.58
C ARG C 30 -2.72 2.23 -7.05
N LYS C 31 -3.39 2.40 -5.93
CA LYS C 31 -4.10 1.30 -5.36
C LYS C 31 -5.18 0.77 -6.26
N ILE C 32 -5.89 1.65 -6.92
CA ILE C 32 -6.94 1.20 -7.84
C ILE C 32 -6.31 0.64 -9.11
N ALA C 33 -5.35 1.36 -9.69
CA ALA C 33 -4.81 1.02 -11.00
C ALA C 33 -4.09 -0.32 -11.02
N VAL C 34 -3.43 -0.69 -9.93
CA VAL C 34 -2.65 -1.92 -9.92
C VAL C 34 -3.55 -3.15 -10.07
N ARG C 35 -4.85 -3.01 -9.81
CA ARG C 35 -5.75 -4.16 -9.90
C ARG C 35 -6.22 -4.46 -11.32
N LEU C 36 -6.01 -3.57 -12.27
CA LEU C 36 -6.83 -3.50 -13.47
C LEU C 36 -6.16 -4.14 -14.67
N THR C 37 -7.00 -4.75 -15.51
CA THR C 37 -6.56 -5.26 -16.80
C THR C 37 -6.46 -4.12 -17.80
N GLN C 38 -5.47 -4.18 -18.67
CA GLN C 38 -5.23 -3.09 -19.61
C GLN C 38 -5.45 -3.54 -21.05
N THR C 39 -5.70 -2.56 -21.91
CA THR C 39 -5.78 -2.77 -23.35
C THR C 39 -4.89 -1.75 -24.03
N LEU C 40 -4.17 -2.19 -25.06
CA LEU C 40 -3.37 -1.32 -25.90
C LEU C 40 -3.92 -1.38 -27.32
N VAL C 41 -4.24 -0.23 -27.90
CA VAL C 41 -4.66 -0.17 -29.29
C VAL C 41 -3.61 0.62 -30.06
N ILE C 42 -3.02 -0.02 -31.06
CA ILE C 42 -1.93 0.56 -31.84
C ILE C 42 -2.36 0.62 -33.30
N ASP C 43 -2.27 1.80 -33.88
CA ASP C 43 -2.48 1.98 -35.31
C ASP C 43 -1.16 2.49 -35.89
N GLN C 44 -0.60 1.74 -36.82
CA GLN C 44 0.75 1.96 -37.32
C GLN C 44 0.73 1.98 -38.84
N ASP C 45 1.23 3.07 -39.42
CA ASP C 45 1.35 3.20 -40.87
C ASP C 45 2.70 3.83 -41.17
N GLY C 46 3.64 3.02 -41.63
CA GLY C 46 4.99 3.54 -41.81
C GLY C 46 5.53 4.00 -40.48
N ASP C 47 6.00 5.25 -40.42
CA ASP C 47 6.49 5.82 -39.17
C ASP C 47 5.40 6.41 -38.29
N ASN C 48 4.17 6.51 -38.78
CA ASN C 48 3.11 7.20 -38.05
C ASN C 48 2.40 6.21 -37.13
N PHE C 49 2.43 6.50 -35.83
CA PHE C 49 1.80 5.67 -34.81
C PHE C 49 0.70 6.44 -34.10
N LYS C 50 -0.39 5.74 -33.77
CA LYS C 50 -1.39 6.24 -32.83
C LYS C 50 -1.60 5.14 -31.80
N VAL C 51 -1.31 5.45 -30.54
CA VAL C 51 -1.32 4.46 -29.46
C VAL C 51 -2.33 4.89 -28.40
N LYS C 52 -3.12 3.93 -27.92
CA LYS C 52 -4.11 4.18 -26.89
C LYS C 52 -3.92 3.14 -25.79
N SER C 53 -3.74 3.60 -24.56
CA SER C 53 -3.72 2.73 -23.39
C SER C 53 -4.99 2.95 -22.58
N THR C 54 -5.72 1.88 -22.30
CA THR C 54 -7.03 2.00 -21.68
C THR C 54 -7.22 0.91 -20.62
N SER C 55 -8.03 1.24 -19.63
CA SER C 55 -8.55 0.34 -18.61
C SER C 55 -9.89 0.91 -18.19
N THR C 56 -10.55 0.28 -17.21
CA THR C 56 -11.79 0.89 -16.75
C THR C 56 -11.54 2.24 -16.05
N PHE C 57 -10.28 2.59 -15.82
CA PHE C 57 -9.91 3.71 -14.97
C PHE C 57 -9.18 4.83 -15.71
N TRP C 58 -8.58 4.56 -16.87
CA TRP C 58 -7.91 5.63 -17.63
C TRP C 58 -8.02 5.37 -19.12
N ASN C 59 -7.71 6.40 -19.89
CA ASN C 59 -7.68 6.33 -21.35
C ASN C 59 -6.63 7.35 -21.77
N TYR C 60 -5.51 6.87 -22.30
CA TYR C 60 -4.33 7.69 -22.57
C TYR C 60 -3.92 7.49 -24.02
N ASP C 61 -3.92 8.57 -24.80
CA ASP C 61 -3.64 8.51 -26.23
C ASP C 61 -2.40 9.33 -26.54
N VAL C 62 -1.59 8.83 -27.46
CA VAL C 62 -0.44 9.57 -27.94
C VAL C 62 -0.25 9.25 -29.42
N ASP C 63 0.05 10.27 -30.20
CA ASP C 63 0.42 10.11 -31.60
C ASP C 63 1.86 10.57 -31.77
N PHE C 64 2.61 9.87 -32.62
CA PHE C 64 3.98 10.25 -32.86
C PHE C 64 4.44 9.67 -34.18
N THR C 65 5.55 10.21 -34.67
CA THR C 65 6.23 9.74 -35.86
C THR C 65 7.58 9.22 -35.44
N VAL C 66 7.90 7.98 -35.83
CA VAL C 66 9.20 7.43 -35.48
C VAL C 66 10.30 8.34 -36.01
N GLY C 67 11.28 8.63 -35.16
CA GLY C 67 12.43 9.41 -35.58
C GLY C 67 12.26 10.91 -35.52
N VAL C 68 11.14 11.41 -35.00
CA VAL C 68 10.83 12.83 -34.94
C VAL C 68 10.59 13.20 -33.49
N GLU C 69 11.43 14.07 -32.95
CA GLU C 69 11.30 14.47 -31.59
C GLU C 69 10.01 15.24 -31.32
N PHE C 70 9.39 15.03 -30.19
CA PHE C 70 8.22 15.84 -29.90
C PHE C 70 8.15 16.22 -28.43
N ASP C 71 7.80 17.47 -28.19
CA ASP C 71 7.51 17.94 -26.85
C ASP C 71 6.15 17.45 -26.42
N GLU C 72 6.06 17.03 -25.17
CA GLU C 72 4.92 16.26 -24.74
C GLU C 72 4.55 16.62 -23.30
N TYR C 73 3.26 16.78 -23.07
CA TYR C 73 2.70 16.85 -21.72
C TYR C 73 2.07 15.50 -21.41
N THR C 74 2.47 14.90 -20.28
CA THR C 74 2.01 13.54 -19.97
C THR C 74 0.64 13.53 -19.29
N LYS C 75 -0.08 14.66 -19.29
CA LYS C 75 -1.53 14.71 -19.10
C LYS C 75 -1.92 13.90 -17.87
N SER C 76 -2.90 12.99 -17.95
CA SER C 76 -3.47 12.42 -16.75
C SER C 76 -2.55 11.41 -16.08
N LEU C 77 -1.46 11.01 -16.74
CA LEU C 77 -0.52 10.10 -16.10
C LEU C 77 0.13 10.81 -14.90
N ASP C 78 1.10 11.71 -15.16
CA ASP C 78 1.73 12.45 -14.07
C ASP C 78 1.91 13.94 -14.34
N ASN C 79 1.26 14.51 -15.35
CA ASN C 79 1.18 15.97 -15.53
C ASN C 79 2.55 16.62 -15.61
N ARG C 80 3.44 16.07 -16.43
CA ARG C 80 4.79 16.59 -16.57
C ARG C 80 5.10 16.85 -18.03
N HIS C 81 6.06 17.75 -18.27
CA HIS C 81 6.56 18.06 -19.61
C HIS C 81 7.83 17.26 -19.86
N VAL C 82 7.87 16.54 -20.99
CA VAL C 82 9.06 15.82 -21.42
C VAL C 82 9.31 16.10 -22.90
N LYS C 83 10.54 15.86 -23.33
CA LYS C 83 10.89 15.78 -24.74
C LYS C 83 10.99 14.31 -25.12
N ALA C 84 10.13 13.86 -26.02
CA ALA C 84 9.99 12.44 -26.30
C ALA C 84 10.51 12.10 -27.69
N LEU C 85 11.10 10.91 -27.82
CA LEU C 85 11.60 10.45 -29.11
C LEU C 85 11.39 8.94 -29.17
N VAL C 86 10.78 8.46 -30.25
CA VAL C 86 10.55 7.03 -30.44
C VAL C 86 11.34 6.57 -31.65
N THR C 87 12.10 5.47 -31.49
CA THR C 87 12.98 4.98 -32.55
C THR C 87 12.99 3.46 -32.53
N TRP C 88 13.56 2.88 -33.60
CA TRP C 88 13.75 1.43 -33.70
C TRP C 88 15.17 1.04 -33.31
N GLU C 89 15.28 0.04 -32.46
CA GLU C 89 16.54 -0.66 -32.19
C GLU C 89 16.30 -2.11 -32.62
N GLY C 90 16.72 -2.46 -33.82
CA GLY C 90 16.29 -3.72 -34.40
C GLY C 90 14.79 -3.70 -34.59
N ASP C 91 14.10 -4.68 -34.01
CA ASP C 91 12.64 -4.71 -34.03
C ASP C 91 12.02 -4.33 -32.69
N VAL C 92 12.77 -3.64 -31.83
CA VAL C 92 12.26 -3.13 -30.57
C VAL C 92 11.93 -1.66 -30.75
N LEU C 93 10.70 -1.27 -30.40
CA LEU C 93 10.29 0.13 -30.45
C LEU C 93 10.62 0.76 -29.12
N VAL C 94 11.43 1.82 -29.15
CA VAL C 94 12.04 2.39 -27.94
C VAL C 94 11.65 3.86 -27.83
N CYS C 95 10.99 4.21 -26.74
CA CYS C 95 10.67 5.60 -26.43
C CYS C 95 11.56 6.06 -25.29
N VAL C 96 12.19 7.22 -25.47
CA VAL C 96 12.90 7.91 -24.40
C VAL C 96 12.19 9.24 -24.17
N GLN C 97 11.88 9.54 -22.90
CA GLN C 97 11.20 10.77 -22.51
C GLN C 97 12.14 11.56 -21.62
N LYS C 98 12.79 12.58 -22.20
CA LYS C 98 13.79 13.36 -21.45
C LYS C 98 13.11 14.42 -20.59
N GLY C 99 13.54 14.50 -19.33
CA GLY C 99 12.96 15.46 -18.40
C GLY C 99 13.42 15.21 -16.97
N GLU C 100 12.50 15.47 -16.02
CA GLU C 100 12.85 15.41 -14.60
C GLU C 100 13.23 14.01 -14.14
N LYS C 101 12.55 12.99 -14.65
CA LYS C 101 12.80 11.62 -14.24
C LYS C 101 13.92 11.00 -15.07
N GLU C 102 14.75 10.18 -14.43
CA GLU C 102 15.80 9.48 -15.16
C GLU C 102 15.26 8.17 -15.74
N ASN C 103 15.90 7.72 -16.81
CA ASN C 103 15.60 6.42 -17.41
C ASN C 103 14.11 6.25 -17.75
N ARG C 104 13.49 7.33 -18.20
CA ARG C 104 12.04 7.33 -18.40
C ARG C 104 11.69 7.00 -19.84
N GLY C 105 10.77 6.05 -20.02
CA GLY C 105 10.30 5.72 -21.34
C GLY C 105 9.65 4.34 -21.36
N TRP C 106 9.72 3.70 -22.52
CA TRP C 106 9.16 2.36 -22.67
C TRP C 106 9.79 1.69 -23.86
N LYS C 107 9.57 0.37 -23.96
CA LYS C 107 9.93 -0.42 -25.12
C LYS C 107 8.79 -1.37 -25.44
N LYS C 108 8.62 -1.66 -26.72
CA LYS C 108 7.64 -2.62 -27.19
C LYS C 108 8.22 -3.50 -28.29
N TRP C 109 7.89 -4.76 -28.24
CA TRP C 109 8.33 -5.65 -29.30
C TRP C 109 7.37 -6.82 -29.40
N ILE C 110 7.36 -7.43 -30.59
CA ILE C 110 6.53 -8.58 -30.91
C ILE C 110 7.34 -9.84 -30.70
N GLU C 111 6.75 -10.81 -29.99
CA GLU C 111 7.25 -12.18 -29.85
C GLU C 111 6.13 -13.10 -30.31
N GLY C 112 6.15 -13.48 -31.59
CA GLY C 112 5.11 -14.33 -32.12
C GLY C 112 3.77 -13.63 -32.26
N ASP C 113 2.78 -14.09 -31.50
CA ASP C 113 1.45 -13.51 -31.53
C ASP C 113 1.19 -12.60 -30.34
N LYS C 114 2.24 -12.19 -29.62
CA LYS C 114 2.10 -11.42 -28.39
C LYS C 114 2.95 -10.16 -28.46
N LEU C 115 2.51 -9.14 -27.72
CA LEU C 115 3.22 -7.87 -27.62
C LEU C 115 3.80 -7.75 -26.23
N TYR C 116 5.11 -7.53 -26.15
CA TYR C 116 5.83 -7.35 -24.90
C TYR C 116 6.14 -5.88 -24.70
N GLU C 117 5.94 -5.40 -23.48
CA GLU C 117 6.17 -4.01 -23.15
C GLU C 117 7.03 -3.91 -21.90
N GLU C 118 7.92 -2.92 -21.89
CA GLU C 118 8.64 -2.49 -20.72
C GLU C 118 8.31 -1.03 -20.49
N LEU C 119 7.87 -0.68 -19.28
CA LEU C 119 7.72 0.71 -18.85
C LEU C 119 8.80 0.98 -17.81
N THR C 120 9.55 2.06 -18.01
CA THR C 120 10.70 2.33 -17.13
C THR C 120 10.64 3.74 -16.59
N CYS C 121 11.13 3.88 -15.36
CA CYS C 121 11.27 5.18 -14.73
C CYS C 121 12.17 5.00 -13.53
N GLY C 122 13.20 5.83 -13.43
CA GLY C 122 14.14 5.70 -12.33
C GLY C 122 14.82 4.34 -12.36
N ASP C 123 14.80 3.64 -11.24
CA ASP C 123 15.32 2.28 -11.17
C ASP C 123 14.24 1.22 -11.26
N GLN C 124 13.04 1.58 -11.71
CA GLN C 124 11.94 0.63 -11.78
C GLN C 124 11.65 0.22 -13.21
N VAL C 125 11.34 -1.06 -13.40
CA VAL C 125 10.90 -1.59 -14.68
C VAL C 125 9.61 -2.37 -14.46
N CYS C 126 8.58 -2.02 -15.22
CA CYS C 126 7.34 -2.77 -15.29
C CYS C 126 7.34 -3.58 -16.58
N ARG C 127 7.04 -4.87 -16.48
CA ARG C 127 7.04 -5.75 -17.64
C ARG C 127 5.64 -6.27 -17.87
N GLN C 128 5.16 -6.17 -19.12
CA GLN C 128 3.80 -6.56 -19.46
C GLN C 128 3.79 -7.43 -20.71
N VAL C 129 2.76 -8.25 -20.83
CA VAL C 129 2.54 -9.08 -22.02
C VAL C 129 1.09 -8.94 -22.45
N PHE C 130 0.89 -8.75 -23.75
CA PHE C 130 -0.43 -8.61 -24.36
C PHE C 130 -0.60 -9.64 -25.47
N LYS C 131 -1.83 -10.12 -25.63
CA LYS C 131 -2.19 -11.01 -26.72
C LYS C 131 -3.00 -10.23 -27.75
N LYS C 132 -2.80 -10.57 -29.02
CA LYS C 132 -3.51 -9.88 -30.10
C LYS C 132 -4.94 -10.39 -30.18
N LYS C 133 -5.90 -9.47 -30.14
CA LYS C 133 -7.31 -9.86 -30.26
C LYS C 133 -7.81 -9.58 -31.68
N THR D 1 19.70 7.89 -6.03
CA THR D 1 18.80 8.82 -6.68
C THR D 1 18.67 10.15 -5.94
N ARG D 2 18.64 11.23 -6.69
CA ARG D 2 18.39 12.56 -6.16
C ARG D 2 16.90 12.94 -6.16
N ASP D 3 16.04 12.07 -6.66
CA ASP D 3 14.62 12.37 -6.77
C ASP D 3 13.94 12.14 -5.42
N GLN D 4 13.58 13.21 -4.73
CA GLN D 4 12.94 13.11 -3.43
C GLN D 4 11.46 13.49 -3.47
N ASN D 5 10.86 13.58 -4.67
CA ASN D 5 9.45 13.90 -4.79
C ASN D 5 8.58 12.93 -4.00
N GLY D 6 7.52 13.46 -3.38
CA GLY D 6 6.47 12.61 -2.88
C GLY D 6 5.87 13.11 -1.58
N THR D 7 4.90 12.34 -1.12
CA THR D 7 4.32 12.49 0.20
C THR D 7 4.95 11.42 1.07
N TRP D 8 5.62 11.83 2.14
CA TRP D 8 6.40 10.92 2.97
C TRP D 8 5.80 10.87 4.37
N GLU D 9 5.52 9.67 4.85
CA GLU D 9 4.87 9.45 6.14
C GLU D 9 5.90 8.90 7.13
N MET D 10 5.96 9.49 8.33
CA MET D 10 7.02 9.14 9.27
C MET D 10 6.87 7.71 9.75
N GLU D 11 7.99 6.99 9.78
CA GLU D 11 8.12 5.66 10.34
C GLU D 11 8.88 5.64 11.64
N SER D 12 9.90 6.49 11.80
CA SER D 12 10.64 6.49 13.05
C SER D 12 11.20 7.88 13.29
N ASN D 13 11.42 8.18 14.56
CA ASN D 13 11.85 9.50 15.03
C ASN D 13 12.77 9.29 16.22
N GLU D 14 13.99 9.82 16.17
CA GLU D 14 14.96 9.66 17.24
C GLU D 14 15.53 11.02 17.67
N ASN D 15 15.50 11.28 18.98
CA ASN D 15 16.07 12.49 19.58
C ASN D 15 15.41 13.76 19.03
N PHE D 16 14.13 13.68 18.67
CA PHE D 16 13.45 14.90 18.23
C PHE D 16 13.46 15.95 19.35
N GLU D 17 13.29 15.52 20.60
CA GLU D 17 13.24 16.50 21.69
C GLU D 17 14.59 17.14 21.95
N GLY D 18 15.68 16.39 21.74
CA GLY D 18 17.00 17.00 21.89
C GLY D 18 17.24 18.11 20.89
N TRP D 19 16.88 17.86 19.63
CA TRP D 19 17.00 18.90 18.61
C TRP D 19 16.15 20.11 18.96
N MET D 20 14.91 19.90 19.43
CA MET D 20 14.07 21.05 19.78
C MET D 20 14.65 21.82 20.96
N LYS D 21 15.21 21.13 21.94
CA LYS D 21 15.83 21.83 23.07
C LYS D 21 16.98 22.71 22.61
N ALA D 22 17.80 22.19 21.69
CA ALA D 22 18.93 22.97 21.17
C ALA D 22 18.46 24.25 20.48
N LEU D 23 17.25 24.25 19.92
CA LEU D 23 16.65 25.46 19.36
C LEU D 23 15.94 26.32 20.41
N ASP D 24 15.90 25.88 21.67
CA ASP D 24 15.28 26.59 22.79
C ASP D 24 13.76 26.66 22.69
N ILE D 25 13.15 25.71 21.98
CA ILE D 25 11.70 25.64 21.96
C ILE D 25 11.18 25.39 23.38
N ASP D 26 10.11 26.08 23.76
CA ASP D 26 9.61 26.06 25.12
C ASP D 26 9.08 24.68 25.52
N PHE D 27 9.00 24.47 26.83
CA PHE D 27 8.63 23.16 27.39
C PHE D 27 7.29 22.69 26.83
N ALA D 28 6.26 23.53 26.90
CA ALA D 28 4.93 23.09 26.46
C ALA D 28 4.96 22.60 25.01
N THR D 29 5.56 23.38 24.11
CA THR D 29 5.58 22.99 22.70
C THR D 29 6.37 21.70 22.49
N ARG D 30 7.51 21.55 23.17
CA ARG D 30 8.29 20.32 23.04
C ARG D 30 7.51 19.11 23.56
N LYS D 31 6.80 19.29 24.67
CA LYS D 31 6.11 18.15 25.26
C LYS D 31 5.04 17.63 24.34
N ILE D 32 4.33 18.52 23.64
CA ILE D 32 3.30 18.06 22.71
C ILE D 32 3.94 17.51 21.44
N ALA D 33 4.89 18.26 20.87
CA ALA D 33 5.45 17.92 19.55
C ALA D 33 6.15 16.56 19.56
N VAL D 34 6.84 16.21 20.64
CA VAL D 34 7.61 14.97 20.65
C VAL D 34 6.72 13.74 20.50
N ARG D 35 5.42 13.88 20.80
CA ARG D 35 4.52 12.73 20.72
C ARG D 35 4.04 12.41 19.31
N LEU D 36 4.26 13.30 18.34
CA LEU D 36 3.45 13.35 17.13
C LEU D 36 4.10 12.71 15.92
N THR D 37 3.26 12.10 15.09
CA THR D 37 3.68 11.58 13.79
C THR D 37 3.77 12.73 12.80
N GLN D 38 4.76 12.68 11.93
CA GLN D 38 4.99 13.78 10.99
C GLN D 38 4.78 13.32 9.55
N THR D 39 4.51 14.31 8.69
CA THR D 39 4.44 14.12 7.26
C THR D 39 5.33 15.14 6.56
N LEU D 40 6.03 14.71 5.52
CA LEU D 40 6.83 15.60 4.67
C LEU D 40 6.30 15.52 3.26
N VAL D 41 6.01 16.67 2.66
CA VAL D 41 5.58 16.74 1.27
C VAL D 41 6.64 17.51 0.50
N ILE D 42 7.20 16.88 -0.52
CA ILE D 42 8.30 17.46 -1.29
C ILE D 42 7.89 17.51 -2.75
N ASP D 43 7.92 18.71 -3.32
CA ASP D 43 7.76 18.89 -4.76
C ASP D 43 9.09 19.37 -5.31
N GLN D 44 9.65 18.60 -6.22
CA GLN D 44 11.00 18.82 -6.71
C GLN D 44 10.96 18.85 -8.23
N ASP D 45 11.47 19.93 -8.80
CA ASP D 45 11.58 20.06 -10.25
C ASP D 45 12.93 20.69 -10.56
N GLY D 46 13.88 19.88 -11.03
CA GLY D 46 15.22 20.41 -11.22
C GLY D 46 15.78 20.89 -9.90
N ASP D 47 16.27 22.13 -9.87
CA ASP D 47 16.77 22.68 -8.60
C ASP D 47 15.68 23.26 -7.73
N ASN D 48 14.45 23.36 -8.22
CA ASN D 48 13.39 24.05 -7.48
C ASN D 48 12.69 23.08 -6.55
N PHE D 49 12.69 23.40 -5.25
CA PHE D 49 12.06 22.57 -4.23
C PHE D 49 10.96 23.34 -3.53
N LYS D 50 9.87 22.64 -3.20
CA LYS D 50 8.88 23.12 -2.24
C LYS D 50 8.69 22.02 -1.23
N VAL D 51 8.95 22.32 0.05
CA VAL D 51 8.92 21.31 1.10
C VAL D 51 7.93 21.76 2.18
N LYS D 52 7.13 20.81 2.65
CA LYS D 52 6.15 21.07 3.70
C LYS D 52 6.32 20.03 4.79
N SER D 53 6.52 20.48 6.03
CA SER D 53 6.54 19.59 7.18
C SER D 53 5.27 19.82 8.00
N THR D 54 4.54 18.74 8.27
CA THR D 54 3.23 18.86 8.91
C THR D 54 3.05 17.78 9.95
N SER D 55 2.22 18.11 10.94
CA SER D 55 1.72 17.20 11.96
C SER D 55 0.37 17.77 12.38
N THR D 56 -0.27 17.16 13.37
CA THR D 56 -1.51 17.77 13.84
C THR D 56 -1.27 19.08 14.56
N PHE D 57 -0.01 19.43 14.80
CA PHE D 57 0.35 20.56 15.64
C PHE D 57 1.05 21.69 14.90
N TRP D 58 1.62 21.43 13.71
CA TRP D 58 2.30 22.49 12.99
C TRP D 58 2.21 22.23 11.48
N ASN D 59 2.47 23.29 10.73
CA ASN D 59 2.53 23.21 9.27
C ASN D 59 3.59 24.22 8.86
N TYR D 60 4.72 23.74 8.33
CA TYR D 60 5.89 24.55 8.08
C TYR D 60 6.29 24.35 6.62
N ASP D 61 6.31 25.42 5.85
CA ASP D 61 6.59 25.36 4.42
C ASP D 61 7.84 26.16 4.09
N VAL D 62 8.60 25.68 3.12
CA VAL D 62 9.76 26.43 2.65
C VAL D 62 9.98 26.10 1.19
N ASP D 63 10.31 27.12 0.40
CA ASP D 63 10.68 26.97 -1.00
C ASP D 63 12.11 27.43 -1.19
N PHE D 64 12.86 26.75 -2.04
CA PHE D 64 14.24 27.13 -2.28
C PHE D 64 14.70 26.54 -3.61
N THR D 65 15.80 27.09 -4.10
CA THR D 65 16.49 26.61 -5.29
C THR D 65 17.86 26.09 -4.86
N VAL D 66 18.18 24.86 -5.21
CA VAL D 66 19.48 24.31 -4.87
C VAL D 66 20.57 25.23 -5.39
N GLY D 67 21.57 25.52 -4.55
CA GLY D 67 22.72 26.30 -4.96
C GLY D 67 22.53 27.80 -4.90
N VAL D 68 21.39 28.28 -4.41
CA VAL D 68 21.09 29.71 -4.35
C VAL D 68 20.84 30.09 -2.90
N GLU D 69 21.69 30.95 -2.36
CA GLU D 69 21.55 31.34 -0.97
C GLU D 69 20.26 32.14 -0.76
N PHE D 70 19.61 31.93 0.39
CA PHE D 70 18.44 32.76 0.69
C PHE D 70 18.38 33.12 2.16
N ASP D 71 18.00 34.38 2.40
CA ASP D 71 17.70 34.85 3.74
C ASP D 71 16.36 34.33 4.19
N GLU D 72 16.30 33.87 5.42
CA GLU D 72 15.15 33.10 5.87
C GLU D 72 14.80 33.50 7.29
N TYR D 73 13.50 33.67 7.53
CA TYR D 73 12.94 33.73 8.87
C TYR D 73 12.34 32.37 9.17
N THR D 74 12.73 31.77 10.31
CA THR D 74 12.26 30.42 10.61
C THR D 74 10.88 30.41 11.29
N LYS D 75 10.17 31.54 11.30
CA LYS D 75 8.72 31.57 11.50
C LYS D 75 8.33 30.78 12.73
N SER D 76 7.33 29.90 12.68
CA SER D 76 6.80 29.35 13.91
C SER D 76 7.70 28.29 14.52
N LEU D 77 8.77 27.87 13.85
CA LEU D 77 9.71 26.97 14.49
C LEU D 77 10.38 27.68 15.69
N ASP D 78 11.34 28.58 15.42
CA ASP D 78 11.97 29.30 16.52
C ASP D 78 12.16 30.81 16.25
N ASN D 79 11.51 31.38 15.24
CA ASN D 79 11.43 32.83 15.08
C ASN D 79 12.82 33.50 14.98
N ARG D 80 13.69 32.95 14.13
CA ARG D 80 15.04 33.47 14.00
C ARG D 80 15.37 33.72 12.53
N HIS D 81 16.31 34.64 12.30
CA HIS D 81 16.82 34.94 10.97
C HIS D 81 18.09 34.14 10.70
N VAL D 82 18.11 33.40 9.59
CA VAL D 82 19.28 32.66 9.15
C VAL D 82 19.55 32.95 7.69
N LYS D 83 20.78 32.67 7.27
CA LYS D 83 21.17 32.63 5.87
C LYS D 83 21.25 31.16 5.49
N ALA D 84 20.37 30.72 4.59
CA ALA D 84 20.23 29.30 4.29
C ALA D 84 20.76 28.97 2.90
N LEU D 85 21.32 27.77 2.77
CA LEU D 85 21.85 27.32 1.48
C LEU D 85 21.66 25.81 1.40
N VAL D 86 21.03 25.34 0.33
CA VAL D 86 20.81 23.90 0.14
C VAL D 86 21.61 23.45 -1.08
N THR D 87 22.37 22.36 -0.92
CA THR D 87 23.22 21.86 -1.98
C THR D 87 23.23 20.34 -1.95
N TRP D 88 23.81 19.75 -3.00
CA TRP D 88 23.99 18.31 -3.09
C TRP D 88 25.41 17.92 -2.70
N GLU D 89 25.52 16.92 -1.84
CA GLU D 89 26.77 16.22 -1.57
C GLU D 89 26.51 14.78 -2.01
N GLY D 90 26.95 14.44 -3.22
CA GLY D 90 26.54 13.17 -3.81
C GLY D 90 25.03 13.18 -3.97
N ASP D 91 24.35 12.19 -3.38
CA ASP D 91 22.89 12.18 -3.42
C ASP D 91 22.27 12.55 -2.07
N VAL D 92 23.02 13.22 -1.21
CA VAL D 92 22.51 13.74 0.05
C VAL D 92 22.19 15.22 -0.14
N LEU D 93 20.97 15.62 0.21
CA LEU D 93 20.54 17.00 0.14
C LEU D 93 20.87 17.67 1.46
N VAL D 94 21.71 18.71 1.43
CA VAL D 94 22.31 19.28 2.62
C VAL D 94 21.92 20.74 2.73
N CYS D 95 21.27 21.09 3.84
CA CYS D 95 20.94 22.48 4.14
C CYS D 95 21.81 22.96 5.29
N VAL D 96 22.46 24.10 5.12
CA VAL D 96 23.16 24.79 6.20
C VAL D 96 22.45 26.12 6.42
N GLN D 97 22.13 26.41 7.68
CA GLN D 97 21.47 27.65 8.07
C GLN D 97 22.42 28.46 8.96
N LYS D 98 23.07 29.48 8.40
CA LYS D 98 24.07 30.25 9.15
C LYS D 98 23.38 31.29 10.02
N GLY D 99 23.79 31.39 11.28
CA GLY D 99 23.14 32.31 12.21
C GLY D 99 23.61 32.10 13.64
N GLU D 100 22.69 32.34 14.58
CA GLU D 100 23.04 32.28 16.00
C GLU D 100 23.46 30.87 16.43
N LYS D 101 22.80 29.85 15.89
CA LYS D 101 23.05 28.48 16.32
C LYS D 101 24.16 27.85 15.50
N GLU D 102 25.00 27.06 16.18
CA GLU D 102 26.06 26.31 15.51
C GLU D 102 25.49 25.04 14.89
N ASN D 103 26.13 24.59 13.80
CA ASN D 103 25.83 23.29 13.21
C ASN D 103 24.34 23.13 12.86
N ARG D 104 23.71 24.21 12.42
CA ARG D 104 22.27 24.20 12.22
C ARG D 104 21.92 23.89 10.77
N GLY D 105 21.05 22.91 10.58
CA GLY D 105 20.61 22.55 9.23
C GLY D 105 19.90 21.21 9.22
N TRP D 106 19.96 20.55 8.07
CA TRP D 106 19.37 19.23 7.94
C TRP D 106 19.98 18.56 6.72
N LYS D 107 19.77 17.25 6.62
CA LYS D 107 20.14 16.45 5.47
C LYS D 107 19.01 15.50 5.14
N LYS D 108 18.84 15.23 3.88
CA LYS D 108 17.87 14.27 3.42
C LYS D 108 18.47 13.39 2.32
N TRP D 109 18.17 12.10 2.35
CA TRP D 109 18.62 11.21 1.29
C TRP D 109 17.64 10.06 1.16
N ILE D 110 17.62 9.48 -0.03
CA ILE D 110 16.78 8.32 -0.32
C ILE D 110 17.62 7.07 -0.11
N GLU D 111 17.04 6.11 0.59
CA GLU D 111 17.64 4.79 0.82
C GLU D 111 16.52 3.81 0.51
N GLY D 112 16.47 3.36 -0.74
CA GLY D 112 15.41 2.44 -1.16
C GLY D 112 14.11 3.16 -1.44
N ASP D 113 13.04 2.71 -0.79
CA ASP D 113 11.74 3.36 -0.89
C ASP D 113 11.45 4.25 0.31
N LYS D 114 12.48 4.66 1.04
CA LYS D 114 12.34 5.44 2.26
C LYS D 114 13.18 6.71 2.15
N LEU D 115 12.74 7.75 2.86
CA LEU D 115 13.46 9.02 2.95
C LEU D 115 14.06 9.12 4.35
N TYR D 116 15.38 9.34 4.40
CA TYR D 116 16.10 9.53 5.66
C TYR D 116 16.39 11.01 5.85
N GLU D 117 16.26 11.47 7.07
CA GLU D 117 16.49 12.84 7.41
C GLU D 117 17.28 12.99 8.70
N GLU D 118 18.19 13.94 8.68
CA GLU D 118 18.91 14.39 9.86
C GLU D 118 18.56 15.85 10.08
N LEU D 119 18.15 16.20 11.30
CA LEU D 119 17.98 17.58 11.73
C LEU D 119 19.06 17.88 12.76
N THR D 120 19.83 18.95 12.56
CA THR D 120 20.98 19.21 13.42
C THR D 120 20.92 20.62 13.99
N CYS D 121 21.38 20.75 15.23
CA CYS D 121 21.51 22.06 15.86
C CYS D 121 22.41 21.88 17.08
N GLY D 122 23.43 22.72 17.20
CA GLY D 122 24.35 22.56 18.32
C GLY D 122 25.02 21.20 18.27
N ASP D 123 24.99 20.50 19.39
CA ASP D 123 25.55 19.15 19.46
C ASP D 123 24.46 18.08 19.37
N GLN D 124 23.26 18.43 18.93
CA GLN D 124 22.17 17.48 18.84
C GLN D 124 21.87 17.09 17.40
N VAL D 125 21.60 15.81 17.20
CA VAL D 125 21.17 15.27 15.91
C VAL D 125 19.88 14.49 16.12
N CYS D 126 18.84 14.85 15.38
CA CYS D 126 17.59 14.10 15.34
C CYS D 126 17.56 13.31 14.04
N ARG D 127 17.28 12.01 14.13
CA ARG D 127 17.28 11.13 12.96
C ARG D 127 15.88 10.61 12.71
N GLN D 128 15.42 10.72 11.46
CA GLN D 128 14.06 10.33 11.11
C GLN D 128 14.06 9.45 9.88
N VAL D 129 13.03 8.63 9.74
CA VAL D 129 12.82 7.80 8.57
C VAL D 129 11.36 7.93 8.14
N PHE D 130 11.16 8.14 6.84
CA PHE D 130 9.84 8.26 6.22
C PHE D 130 9.67 7.22 5.12
N LYS D 131 8.45 6.73 4.97
CA LYS D 131 8.07 5.85 3.89
C LYS D 131 7.25 6.64 2.87
N LYS D 132 7.40 6.28 1.60
CA LYS D 132 6.68 6.97 0.55
C LYS D 132 5.25 6.46 0.49
N LYS D 133 4.28 7.37 0.52
CA LYS D 133 2.89 6.97 0.39
C LYS D 133 2.39 7.21 -1.04
C ACT E . -14.86 -25.44 -6.68
O ACT E . -16.10 -25.65 -6.46
OXT ACT E . -13.99 -26.29 -7.02
CH3 ACT E . -14.37 -23.98 -6.42
H1 ACT E . -14.45 -23.71 -5.50
H2 ACT E . -14.87 -23.32 -6.93
H3 ACT E . -13.44 -23.84 -6.66
C10 A1CK1 F . -11.94 -20.11 -9.53
C11 A1CK1 F . -12.71 -21.23 -9.31
C12 A1CK1 F . -12.03 -22.41 -9.11
C13 A1CK1 F . -6.35 -20.53 -8.98
C14 A1CK1 F . -5.74 -21.65 -9.47
C15 A1CK1 F . -6.52 -22.68 -9.94
C16 A1CK1 F . -7.89 -22.59 -9.86
C17 A1CK1 F . -8.51 -21.47 -9.37
C18 A1CK1 F . -7.72 -20.43 -8.94
C01 A1CK1 F . -14.23 -21.19 -9.31
C02 A1CK1 F . -14.90 -20.06 -9.39
C03 A1CK1 F . -16.40 -19.83 -9.51
C06 A1CK1 F . -14.93 -22.54 -9.27
C07 A1CK1 F . -10.66 -22.47 -9.11
C08 A1CK1 F . -9.90 -21.37 -9.33
C09 A1CK1 F . -10.56 -20.19 -9.54
C20 A1CK1 F . -3.62 -22.87 -9.97
C21 A1CK1 F . -3.53 -20.66 -8.99
N19 A1CK1 F . -4.31 -21.72 -9.49
C ACT G . -4.70 -8.73 23.95
O ACT G . -3.90 -9.65 23.66
OXT ACT G . -5.95 -8.81 24.15
CH3 ACT G . -4.05 -7.35 24.07
C10 A1CK1 H . -1.64 -5.46 21.49
C11 A1CK1 H . -2.24 -4.22 21.28
C12 A1CK1 H . -1.47 -3.10 21.05
C13 A1CK1 H . 3.88 -5.78 20.69
C14 A1CK1 H . 4.66 -4.73 21.15
C15 A1CK1 H . 4.05 -3.58 21.63
C16 A1CK1 H . 2.67 -3.48 21.66
C17 A1CK1 H . 1.90 -4.53 21.19
C18 A1CK1 H . 2.50 -5.69 20.71
C01 A1CK1 H . -3.77 -4.12 21.30
C02 A1CK1 H . -4.34 -2.94 21.36
C03 A1CK1 H . -5.87 -2.82 21.40
C06 A1CK1 H . -4.63 -5.38 21.29
C07 A1CK1 H . -0.10 -3.20 21.02
C08 A1CK1 H . 0.51 -4.43 21.22
C09 A1CK1 H . -0.26 -5.55 21.46
C20 A1CK1 H . 6.75 -6.00 20.54
C21 A1CK1 H . 6.92 -3.77 21.69
N19 A1CK1 H . 6.11 -4.83 21.13
C ACT I . 4.30 8.53 -24.31
O ACT I . 5.07 8.56 -25.32
OXT ACT I . 3.43 9.41 -24.01
CH3 ACT I . 4.51 7.34 -23.31
H1 ACT I . 5.21 7.52 -22.65
H2 ACT I . 4.78 6.52 -23.75
H3 ACT I . 3.72 7.12 -22.80
C10 A1CK1 J . 1.24 3.11 -21.70
C11 A1CK1 J . 1.60 4.16 -22.52
C12 A1CK1 J . 1.29 5.46 -22.13
C13 A1CK1 J . -0.90 4.34 -16.62
C14 A1CK1 J . -1.77 5.41 -16.54
C15 A1CK1 J . -1.97 6.24 -17.66
C16 A1CK1 J . -1.29 5.98 -18.83
C17 A1CK1 J . -0.40 4.91 -18.91
C18 A1CK1 J . -0.21 4.08 -17.81
C01 A1CK1 J . 2.32 3.90 -23.84
C02 A1CK1 J . 2.72 2.69 -24.16
C03 A1CK1 J . 3.39 2.38 -25.50
C06 A1CK1 J . 2.58 5.05 -24.81
C07 A1CK1 J . 0.63 5.69 -20.93
C08 A1CK1 J . 0.27 4.65 -20.10
C09 A1CK1 J . 0.59 3.35 -20.49
C20 A1CK1 J . -2.22 4.90 -14.12
C21 A1CK1 J . -3.41 6.81 -15.24
N19 A1CK1 J . -2.47 5.69 -15.30
C ACT K . 14.50 25.54 6.18
O ACT K . 13.71 26.44 6.54
OXT ACT K . 15.29 25.55 5.20
CH3 ACT K . 14.45 24.29 7.05
C10 A1CK1 L . 11.41 19.90 8.93
C11 A1CK1 L . 11.76 20.93 8.08
C12 A1CK1 L . 11.47 22.23 8.47
C13 A1CK1 L . 8.27 23.09 12.93
C14 A1CK1 L . 8.46 22.29 14.06
C15 A1CK1 L . 9.33 21.22 14.00
C16 A1CK1 L . 10.01 20.92 12.82
C17 A1CK1 L . 9.82 21.73 11.70
C18 A1CK1 L . 8.95 22.81 11.76
C01 A1CK1 L . 12.48 20.67 6.75
C02 A1CK1 L . 12.87 19.44 6.45
C03 A1CK1 L . 13.59 19.12 5.13
C06 A1CK1 L . 12.73 21.81 5.78
C07 A1CK1 L . 10.83 22.49 9.66
C08 A1CK1 L . 10.47 21.46 10.50
C09 A1CK1 L . 10.77 20.15 10.13
C20 A1CK1 L . 8.05 21.81 16.48
C21 A1CK1 L . 6.82 23.70 15.36
N19 A1CK1 L . 7.78 22.60 15.30
#